data_4LB8
#
_entry.id   4LB8
#
_cell.length_a   64.595
_cell.length_b   140.829
_cell.length_c   89.289
_cell.angle_alpha   90.000
_cell.angle_beta   90.000
_cell.angle_gamma   90.000
#
_symmetry.space_group_name_H-M   'C 2 2 21'
#
loop_
_entity.id
_entity.type
_entity.pdbx_description
1 polymer 'Uncharacterized protein'
2 non-polymer 'CHLORIDE ION'
3 non-polymer DI(HYDROXYETHYL)ETHER
4 water water
#
_entity_poly.entity_id   1
_entity_poly.type   'polypeptide(L)'
_entity_poly.pdbx_seq_one_letter_code
;GNDEQEVN(MSE)VKPTNANSEIEVINDGT(MSE)IKFKDVESYENALLKVSA(MSE)STSEQVSFLNSLSFKSQ(MSE)
IL(MSE)QEADGELDKICNQAADKAEFDVLYEKYKHKYGDVF(MSE)FNTIDATDLSPYSRLVYVANEYFVN(MSE)KGE
F(MSE)IGDSLVVDKVYTDFKERQQQFTVSTRSSVSDLSSINEAYSRQKDRKVGLYLSVSSGIIHANFTSQKKGVFGWSR
YSTTYHAKVNLRGFEFAQGELLGYGPVYVNKDGIPFAIDTKE(MSE)GGNVTKVFGRKLAQECTGTIEIWSRGVPYDQRG
FATVRL
;
_entity_poly.pdbx_strand_id   A
#
# COMPACT_ATOMS: atom_id res chain seq x y z
N GLU A 18 4.67 -40.19 -14.80
CA GLU A 18 5.84 -39.69 -15.53
C GLU A 18 5.67 -38.23 -16.02
N ILE A 19 6.80 -37.47 -15.97
CA ILE A 19 6.98 -36.10 -16.46
C ILE A 19 7.94 -36.23 -17.64
N GLU A 20 7.56 -35.63 -18.77
CA GLU A 20 8.34 -35.69 -20.00
C GLU A 20 8.50 -34.29 -20.56
N VAL A 21 9.74 -33.90 -20.89
CA VAL A 21 10.02 -32.59 -21.49
C VAL A 21 10.12 -32.85 -23.00
N ILE A 22 9.22 -32.24 -23.79
CA ILE A 22 9.16 -32.43 -25.24
C ILE A 22 9.38 -31.10 -25.98
N ASN A 23 9.27 -31.13 -27.33
CA ASN A 23 9.39 -30.03 -28.28
C ASN A 23 10.69 -29.23 -28.06
N ASP A 24 11.78 -29.97 -27.80
CA ASP A 24 13.14 -29.47 -27.56
C ASP A 24 13.17 -28.51 -26.35
N GLY A 25 12.76 -29.05 -25.20
CA GLY A 25 12.76 -28.39 -23.88
C GLY A 25 11.83 -27.21 -23.73
N THR A 26 10.78 -27.13 -24.58
CA THR A 26 9.82 -26.01 -24.60
C THR A 26 8.41 -26.44 -24.12
N ILE A 28 6.30 -29.23 -21.16
CA ILE A 28 6.18 -30.29 -20.13
C ILE A 28 4.95 -31.10 -20.51
N LYS A 29 5.09 -32.43 -20.59
CA LYS A 29 3.99 -33.35 -20.87
C LYS A 29 3.82 -34.30 -19.69
N PHE A 30 2.60 -34.41 -19.17
CA PHE A 30 2.25 -35.35 -18.11
C PHE A 30 1.54 -36.53 -18.75
N LYS A 31 1.63 -37.70 -18.13
CA LYS A 31 1.02 -38.95 -18.62
C LYS A 31 -0.51 -38.81 -18.60
N ASP A 32 -1.06 -38.33 -17.47
CA ASP A 32 -2.50 -38.15 -17.22
C ASP A 32 -2.76 -37.04 -16.18
N VAL A 33 -4.04 -36.84 -15.77
CA VAL A 33 -4.42 -35.83 -14.80
C VAL A 33 -3.78 -36.16 -13.42
N GLU A 34 -3.76 -37.46 -13.06
CA GLU A 34 -3.26 -38.02 -11.80
C GLU A 34 -1.77 -37.71 -11.64
N SER A 35 -0.98 -37.89 -12.71
CA SER A 35 0.46 -37.59 -12.76
C SER A 35 0.71 -36.12 -12.51
N TYR A 36 -0.06 -35.25 -13.20
CA TYR A 36 0.03 -33.81 -13.12
C TYR A 36 -0.27 -33.32 -11.68
N GLU A 37 -1.44 -33.72 -11.11
CA GLU A 37 -1.87 -33.32 -9.77
C GLU A 37 -0.88 -33.79 -8.72
N ASN A 38 -0.30 -35.00 -8.90
CA ASN A 38 0.71 -35.54 -8.01
C ASN A 38 2.00 -34.76 -8.10
N ALA A 39 2.52 -34.51 -9.33
CA ALA A 39 3.75 -33.73 -9.54
C ALA A 39 3.59 -32.29 -9.01
N LEU A 40 2.39 -31.69 -9.15
CA LEU A 40 2.11 -30.34 -8.66
C LEU A 40 2.27 -30.30 -7.10
N LEU A 41 1.67 -31.30 -6.39
CA LEU A 41 1.72 -31.44 -4.93
C LEU A 41 3.16 -31.64 -4.45
N LYS A 42 3.87 -32.64 -5.04
CA LYS A 42 5.26 -32.95 -4.68
C LYS A 42 6.18 -31.75 -4.96
N VAL A 43 6.11 -31.14 -6.15
CA VAL A 43 6.94 -29.98 -6.48
C VAL A 43 6.55 -28.73 -5.66
N SER A 44 5.25 -28.40 -5.50
CA SER A 44 4.89 -27.21 -4.71
C SER A 44 5.27 -27.32 -3.22
N ALA A 45 5.58 -28.55 -2.71
CA ALA A 45 5.92 -28.79 -1.29
C ALA A 45 7.42 -28.69 -0.99
N SER A 47 11.36 -26.88 -1.30
CA SER A 47 11.92 -25.56 -1.05
C SER A 47 12.24 -24.94 -2.40
N THR A 48 12.33 -23.60 -2.46
CA THR A 48 12.61 -22.89 -3.70
C THR A 48 13.83 -23.48 -4.41
N SER A 49 14.97 -23.66 -3.68
CA SER A 49 16.21 -24.25 -4.20
C SER A 49 15.94 -25.66 -4.77
N GLU A 50 15.15 -26.51 -4.04
CA GLU A 50 14.79 -27.88 -4.46
C GLU A 50 13.98 -27.84 -5.75
N GLN A 51 13.06 -26.85 -5.86
CA GLN A 51 12.24 -26.68 -7.05
C GLN A 51 13.07 -26.23 -8.24
N VAL A 52 13.97 -25.24 -8.04
CA VAL A 52 14.88 -24.70 -9.05
C VAL A 52 15.78 -25.85 -9.55
N SER A 53 16.29 -26.71 -8.63
CA SER A 53 17.16 -27.84 -8.97
C SER A 53 16.40 -28.97 -9.66
N PHE A 54 15.15 -29.27 -9.25
CA PHE A 54 14.32 -30.32 -9.87
C PHE A 54 13.99 -29.91 -11.31
N LEU A 55 13.80 -28.59 -11.57
CA LEU A 55 13.53 -28.06 -12.90
C LEU A 55 14.80 -28.03 -13.75
N ASN A 56 15.97 -27.81 -13.11
CA ASN A 56 17.29 -27.83 -13.76
C ASN A 56 17.59 -29.26 -14.19
N SER A 57 17.16 -30.26 -13.37
CA SER A 57 17.28 -31.71 -13.65
C SER A 57 16.58 -32.05 -14.96
N LEU A 58 15.43 -31.38 -15.22
CA LEU A 58 14.59 -31.60 -16.39
C LEU A 58 14.98 -30.74 -17.59
N SER A 59 16.04 -29.88 -17.46
CA SER A 59 16.53 -28.94 -18.49
C SER A 59 15.33 -28.13 -19.09
N PHE A 60 14.42 -27.70 -18.20
CA PHE A 60 13.22 -26.96 -18.57
C PHE A 60 13.13 -25.64 -17.80
N LYS A 61 13.05 -24.50 -18.55
CA LYS A 61 12.87 -23.17 -17.96
C LYS A 61 11.37 -22.90 -17.91
N SER A 62 10.81 -22.87 -16.71
CA SER A 62 9.40 -22.59 -16.55
C SER A 62 9.24 -21.14 -16.14
N GLN A 63 7.97 -20.67 -16.08
CA GLN A 63 7.61 -19.32 -15.67
C GLN A 63 8.13 -19.01 -14.29
N ILE A 65 11.12 -20.13 -13.03
CA ILE A 65 12.56 -19.80 -13.19
C ILE A 65 12.69 -18.37 -13.70
N LEU A 66 11.81 -17.96 -14.64
CA LEU A 66 11.77 -16.59 -15.16
C LEU A 66 11.43 -15.59 -14.03
N GLN A 68 12.06 -16.00 -10.76
CA GLN A 68 13.28 -15.94 -9.96
C GLN A 68 14.24 -14.90 -10.59
N GLU A 69 14.47 -15.02 -11.90
CA GLU A 69 15.33 -14.14 -12.69
C GLU A 69 14.84 -12.69 -12.67
N ALA A 70 13.52 -12.50 -12.90
CA ALA A 70 12.87 -11.20 -12.98
C ALA A 70 13.05 -10.43 -11.67
N ASP A 71 12.80 -11.13 -10.53
CA ASP A 71 12.90 -10.64 -9.15
C ASP A 71 14.38 -10.30 -8.80
N GLY A 72 15.30 -11.21 -9.15
CA GLY A 72 16.73 -11.02 -8.98
C GLY A 72 17.22 -9.80 -9.73
N GLU A 73 16.82 -9.65 -11.00
CA GLU A 73 17.14 -8.50 -11.86
C GLU A 73 16.51 -7.16 -11.34
N LEU A 74 15.30 -7.18 -10.72
CA LEU A 74 14.67 -5.96 -10.21
C LEU A 74 15.47 -5.45 -8.99
N ASP A 75 15.86 -6.39 -8.11
CA ASP A 75 16.64 -6.12 -6.91
C ASP A 75 18.02 -5.53 -7.28
N LYS A 76 18.61 -5.99 -8.40
CA LYS A 76 19.90 -5.52 -8.88
C LYS A 76 19.78 -4.13 -9.49
N ILE A 77 18.62 -3.82 -10.12
CA ILE A 77 18.36 -2.52 -10.75
C ILE A 77 18.21 -1.42 -9.68
N CYS A 78 17.62 -1.77 -8.53
CA CYS A 78 17.42 -0.86 -7.39
C CYS A 78 18.74 -0.56 -6.69
N ASN A 79 19.72 -1.47 -6.82
CA ASN A 79 21.04 -1.36 -6.20
C ASN A 79 22.05 -0.60 -7.09
N GLN A 80 21.95 -0.72 -8.42
CA GLN A 80 22.87 -0.04 -9.34
C GLN A 80 22.39 1.39 -9.70
N ALA A 81 21.07 1.69 -9.57
CA ALA A 81 20.54 3.01 -9.90
C ALA A 81 20.98 4.08 -8.88
N ALA A 82 21.68 5.12 -9.37
CA ALA A 82 22.17 6.24 -8.57
C ALA A 82 21.03 7.23 -8.24
N ASP A 83 20.09 7.43 -9.18
CA ASP A 83 18.94 8.33 -9.04
C ASP A 83 17.72 7.80 -9.81
N LYS A 84 16.54 8.45 -9.61
CA LYS A 84 15.24 8.14 -10.22
C LYS A 84 15.31 8.10 -11.75
N ALA A 85 15.89 9.13 -12.39
CA ALA A 85 16.00 9.21 -13.85
C ALA A 85 16.77 8.03 -14.45
N GLU A 86 17.80 7.50 -13.74
CA GLU A 86 18.62 6.37 -14.16
C GLU A 86 17.82 5.06 -13.99
N PHE A 87 17.11 4.95 -12.85
CA PHE A 87 16.24 3.82 -12.55
C PHE A 87 15.18 3.73 -13.65
N ASP A 88 14.53 4.88 -13.97
CA ASP A 88 13.48 5.00 -14.99
C ASP A 88 13.93 4.45 -16.34
N VAL A 89 15.21 4.70 -16.71
CA VAL A 89 15.79 4.20 -17.96
C VAL A 89 15.94 2.68 -17.88
N LEU A 90 16.49 2.17 -16.75
CA LEU A 90 16.72 0.75 -16.50
C LEU A 90 15.39 -0.02 -16.44
N TYR A 91 14.43 0.50 -15.65
CA TYR A 91 13.14 -0.10 -15.39
C TYR A 91 12.22 -0.15 -16.63
N GLU A 92 12.39 0.78 -17.60
CA GLU A 92 11.62 0.77 -18.85
C GLU A 92 12.03 -0.42 -19.70
N LYS A 93 13.35 -0.69 -19.73
CA LYS A 93 13.96 -1.80 -20.46
C LYS A 93 13.55 -3.13 -19.80
N TYR A 94 13.56 -3.18 -18.44
CA TYR A 94 13.11 -4.30 -17.62
C TYR A 94 11.64 -4.67 -17.94
N LYS A 95 10.70 -3.68 -17.86
CA LYS A 95 9.27 -3.87 -18.14
C LYS A 95 9.10 -4.44 -19.55
N HIS A 96 9.72 -3.81 -20.58
CA HIS A 96 9.67 -4.30 -21.96
C HIS A 96 10.07 -5.79 -22.03
N LYS A 97 11.14 -6.18 -21.31
CA LYS A 97 11.69 -7.53 -21.24
C LYS A 97 10.70 -8.55 -20.67
N TYR A 98 10.04 -8.23 -19.53
CA TYR A 98 9.14 -9.13 -18.79
C TYR A 98 7.63 -8.88 -18.95
N GLY A 99 7.24 -7.72 -19.46
CA GLY A 99 5.86 -7.26 -19.60
C GLY A 99 4.91 -8.01 -20.51
N ASP A 100 5.38 -9.08 -21.17
CA ASP A 100 4.57 -9.92 -22.03
C ASP A 100 4.19 -11.23 -21.30
N VAL A 101 5.21 -12.00 -20.82
CA VAL A 101 4.97 -13.23 -20.03
C VAL A 101 4.29 -12.81 -18.70
N PHE A 102 4.79 -11.70 -18.10
CA PHE A 102 4.29 -11.17 -16.84
C PHE A 102 3.50 -9.89 -17.03
N PHE A 104 2.23 -6.13 -14.97
CA PHE A 104 2.64 -5.11 -13.99
C PHE A 104 1.42 -4.48 -13.34
N ASN A 105 1.60 -3.88 -12.15
CA ASN A 105 0.52 -3.28 -11.37
C ASN A 105 0.06 -1.97 -12.01
N THR A 106 -1.21 -1.99 -12.48
CA THR A 106 -1.91 -0.88 -13.15
C THR A 106 -2.60 0.06 -12.15
N ILE A 107 -2.76 -0.36 -10.89
CA ILE A 107 -3.41 0.45 -9.86
C ILE A 107 -2.33 1.30 -9.12
N ASP A 108 -1.33 0.66 -8.48
CA ASP A 108 -0.26 1.36 -7.76
C ASP A 108 1.05 1.31 -8.56
N ALA A 109 1.47 2.47 -9.09
CA ALA A 109 2.71 2.61 -9.89
C ALA A 109 3.99 2.60 -9.07
N THR A 110 3.89 2.58 -7.72
CA THR A 110 5.04 2.47 -6.81
C THR A 110 5.36 0.98 -6.60
N ASP A 111 4.44 0.09 -7.01
CA ASP A 111 4.64 -1.36 -6.93
C ASP A 111 5.31 -1.77 -8.23
N LEU A 112 6.61 -2.02 -8.13
CA LEU A 112 7.54 -2.29 -9.21
C LEU A 112 7.56 -3.69 -9.72
N SER A 113 7.14 -4.67 -8.89
CA SER A 113 7.24 -6.11 -9.14
C SER A 113 6.40 -6.66 -10.29
N PRO A 114 6.98 -7.56 -11.11
CA PRO A 114 6.15 -8.23 -12.14
C PRO A 114 5.27 -9.28 -11.48
N TYR A 115 4.15 -9.61 -12.10
CA TYR A 115 3.19 -10.61 -11.59
C TYR A 115 2.90 -11.69 -12.60
N SER A 116 2.56 -12.90 -12.10
CA SER A 116 2.11 -14.01 -12.95
C SER A 116 0.72 -13.63 -13.47
N ARG A 117 0.39 -14.03 -14.69
CA ARG A 117 -0.92 -13.79 -15.30
C ARG A 117 -1.87 -14.94 -14.90
N LEU A 118 -1.32 -16.02 -14.33
CA LEU A 118 -2.01 -17.24 -13.90
C LEU A 118 -3.00 -17.06 -12.78
N VAL A 119 -4.17 -17.66 -12.95
CA VAL A 119 -5.21 -17.71 -11.92
C VAL A 119 -4.79 -18.82 -10.94
N TYR A 120 -4.42 -19.98 -11.51
CA TYR A 120 -3.98 -21.17 -10.78
C TYR A 120 -2.46 -21.09 -10.70
N VAL A 121 -2.03 -20.31 -9.72
CA VAL A 121 -0.68 -19.84 -9.43
C VAL A 121 0.41 -20.93 -9.37
N ALA A 122 0.13 -22.09 -8.72
CA ALA A 122 1.12 -23.15 -8.55
C ALA A 122 1.51 -23.79 -9.89
N ASN A 123 0.72 -23.58 -10.95
CA ASN A 123 1.04 -24.08 -12.29
C ASN A 123 2.31 -23.43 -12.90
N GLU A 124 2.81 -22.33 -12.29
CA GLU A 124 4.02 -21.59 -12.68
C GLU A 124 5.24 -22.53 -12.79
N TYR A 125 5.27 -23.60 -11.98
CA TYR A 125 6.33 -24.60 -11.99
C TYR A 125 6.39 -25.37 -13.31
N PHE A 126 5.25 -25.55 -14.00
CA PHE A 126 5.27 -26.39 -15.18
C PHE A 126 4.94 -25.64 -16.49
N VAL A 127 4.19 -24.49 -16.45
CA VAL A 127 3.89 -23.72 -17.65
C VAL A 127 5.17 -23.17 -18.30
N ASN A 128 5.17 -23.10 -19.63
CA ASN A 128 6.30 -22.57 -20.38
C ASN A 128 6.13 -21.06 -20.57
N LYS A 130 4.61 -19.47 -22.91
CA LYS A 130 3.29 -19.13 -23.48
C LYS A 130 2.15 -19.54 -22.53
N GLY A 131 2.52 -20.00 -21.32
CA GLY A 131 1.57 -20.44 -20.30
C GLY A 131 0.94 -21.76 -20.66
N GLU A 132 1.74 -22.68 -21.24
CA GLU A 132 1.30 -23.99 -21.68
C GLU A 132 2.02 -25.14 -21.04
N PHE A 133 1.27 -26.26 -20.93
CA PHE A 133 1.74 -27.59 -20.54
C PHE A 133 0.77 -28.58 -21.18
N ILE A 135 -1.23 -32.61 -21.08
CA ILE A 135 -1.74 -33.83 -20.43
C ILE A 135 -1.94 -34.82 -21.58
N GLY A 136 -0.97 -35.73 -21.74
CA GLY A 136 -0.96 -36.69 -22.84
C GLY A 136 -0.94 -35.93 -24.16
N ASP A 137 -1.97 -36.13 -25.00
CA ASP A 137 -2.05 -35.44 -26.29
C ASP A 137 -2.85 -34.13 -26.19
N SER A 138 -3.27 -33.75 -24.95
CA SER A 138 -4.05 -32.54 -24.73
C SER A 138 -3.18 -31.41 -24.28
N LEU A 139 -3.38 -30.25 -24.89
CA LEU A 139 -2.65 -29.03 -24.56
C LEU A 139 -3.49 -28.16 -23.67
N VAL A 140 -2.89 -27.76 -22.55
CA VAL A 140 -3.51 -26.88 -21.60
C VAL A 140 -2.85 -25.50 -21.73
N VAL A 141 -3.62 -24.51 -22.22
CA VAL A 141 -3.23 -23.08 -22.25
C VAL A 141 -3.83 -22.55 -20.96
N ASP A 142 -3.02 -22.49 -19.90
CA ASP A 142 -3.54 -22.20 -18.58
C ASP A 142 -4.21 -20.83 -18.47
N LYS A 143 -5.30 -20.82 -17.65
CA LYS A 143 -6.15 -19.68 -17.33
C LYS A 143 -5.31 -18.52 -16.83
N VAL A 144 -5.50 -17.36 -17.47
CA VAL A 144 -4.77 -16.14 -17.13
C VAL A 144 -5.72 -15.00 -16.82
N TYR A 145 -5.22 -13.98 -16.15
CA TYR A 145 -5.94 -12.73 -15.92
C TYR A 145 -5.77 -11.87 -17.19
N THR A 146 -6.86 -11.17 -17.61
CA THR A 146 -6.84 -10.28 -18.79
C THR A 146 -5.95 -9.08 -18.49
N ASP A 147 -6.10 -8.54 -17.28
CA ASP A 147 -5.39 -7.36 -16.78
C ASP A 147 -5.13 -7.52 -15.29
N PHE A 148 -4.25 -6.68 -14.72
CA PHE A 148 -3.90 -6.70 -13.29
C PHE A 148 -5.14 -6.40 -12.40
N LYS A 149 -6.02 -5.48 -12.86
CA LYS A 149 -7.23 -5.06 -12.18
C LYS A 149 -8.18 -6.25 -11.94
N GLU A 150 -8.19 -7.23 -12.85
CA GLU A 150 -9.03 -8.42 -12.72
C GLU A 150 -8.55 -9.30 -11.52
N ARG A 151 -7.23 -9.31 -11.24
CA ARG A 151 -6.62 -10.06 -10.14
C ARG A 151 -6.99 -9.45 -8.77
N GLN A 152 -6.94 -8.11 -8.65
CA GLN A 152 -7.23 -7.40 -7.40
C GLN A 152 -8.72 -7.06 -7.25
N GLN A 153 -9.54 -7.30 -8.31
CA GLN A 153 -10.97 -6.99 -8.34
C GLN A 153 -11.71 -7.63 -7.16
N GLN A 154 -12.63 -6.85 -6.60
CA GLN A 154 -13.46 -7.17 -5.44
C GLN A 154 -14.72 -6.28 -5.46
N PHE A 155 -15.84 -6.77 -4.89
CA PHE A 155 -17.09 -6.01 -4.82
C PHE A 155 -17.11 -5.04 -3.61
N THR A 156 -16.27 -5.31 -2.57
CA THR A 156 -16.21 -4.51 -1.34
C THR A 156 -15.44 -3.19 -1.50
N VAL A 157 -15.80 -2.22 -0.65
CA VAL A 157 -15.24 -0.88 -0.51
C VAL A 157 -14.64 -0.82 0.91
N SER A 158 -15.22 -1.63 1.82
CA SER A 158 -14.86 -1.71 3.23
C SER A 158 -13.57 -2.49 3.46
N THR A 159 -12.79 -2.00 4.42
CA THR A 159 -11.55 -2.58 4.88
C THR A 159 -11.62 -2.72 6.43
N ARG A 160 -10.74 -3.55 6.99
CA ARG A 160 -10.59 -3.70 8.44
C ARG A 160 -9.87 -2.49 9.01
N SER A 161 -8.90 -2.01 8.25
CA SER A 161 -8.04 -0.90 8.65
C SER A 161 -7.67 -0.04 7.44
N SER A 162 -7.63 1.33 7.63
CA SER A 162 -7.23 2.36 6.65
C SER A 162 -6.63 3.55 7.37
N VAL A 163 -5.44 3.95 6.93
CA VAL A 163 -4.67 5.04 7.51
C VAL A 163 -4.25 5.93 6.35
N SER A 164 -4.50 7.26 6.46
CA SER A 164 -4.19 8.21 5.39
C SER A 164 -2.70 8.47 5.29
N ASP A 165 -2.21 8.78 4.09
CA ASP A 165 -0.79 9.11 3.86
C ASP A 165 -0.66 10.59 3.45
N LEU A 166 0.56 11.09 3.25
CA LEU A 166 0.83 12.49 2.86
C LEU A 166 0.17 12.95 1.58
N SER A 167 -0.48 12.06 0.81
CA SER A 167 -1.18 12.44 -0.43
C SER A 167 -2.61 12.91 -0.10
N SER A 168 -3.06 12.62 1.15
CA SER A 168 -4.34 13.10 1.63
C SER A 168 -4.17 14.57 1.98
N ILE A 169 -4.99 15.46 1.41
CA ILE A 169 -4.89 16.90 1.63
C ILE A 169 -5.87 17.36 2.73
N ASN A 170 -5.35 18.09 3.74
CA ASN A 170 -6.07 18.70 4.87
C ASN A 170 -6.96 17.71 5.71
N GLU A 171 -6.88 16.39 5.43
CA GLU A 171 -7.67 15.37 6.13
C GLU A 171 -6.79 14.23 6.55
N ALA A 172 -6.60 14.04 7.85
CA ALA A 172 -5.79 12.91 8.31
C ALA A 172 -6.66 12.01 9.13
N TYR A 173 -6.54 10.69 8.91
CA TYR A 173 -7.36 9.73 9.62
C TYR A 173 -6.61 8.44 9.87
N SER A 174 -7.17 7.64 10.79
CA SER A 174 -6.75 6.29 11.08
C SER A 174 -7.96 5.52 11.55
N ARG A 175 -8.48 4.63 10.69
CA ARG A 175 -9.62 3.79 11.07
C ARG A 175 -9.09 2.41 11.36
N GLN A 176 -9.20 1.98 12.60
CA GLN A 176 -8.71 0.67 12.98
C GLN A 176 -9.89 -0.30 13.12
N LYS A 177 -9.67 -1.49 13.68
CA LYS A 177 -10.69 -2.52 13.76
C LYS A 177 -11.93 -2.09 14.60
N ASP A 178 -11.74 -1.33 15.71
CA ASP A 178 -12.87 -0.92 16.53
C ASP A 178 -12.72 0.50 17.09
N ARG A 179 -11.70 1.26 16.60
CA ARG A 179 -11.44 2.67 16.93
C ARG A 179 -11.06 3.47 15.66
N LYS A 180 -11.57 4.71 15.52
CA LYS A 180 -11.29 5.69 14.44
C LYS A 180 -10.82 7.01 15.03
N VAL A 181 -9.96 7.73 14.29
CA VAL A 181 -9.55 9.08 14.68
C VAL A 181 -9.32 9.92 13.40
N GLY A 182 -9.69 11.19 13.44
CA GLY A 182 -9.49 12.10 12.34
C GLY A 182 -9.18 13.53 12.77
N LEU A 183 -8.50 14.25 11.88
CA LEU A 183 -8.16 15.66 11.98
C LEU A 183 -8.42 16.27 10.60
N TYR A 184 -9.49 17.09 10.51
CA TYR A 184 -9.97 17.73 9.30
C TYR A 184 -9.77 19.23 9.43
N LEU A 185 -9.10 19.84 8.42
CA LEU A 185 -8.81 21.28 8.37
C LEU A 185 -9.48 21.97 7.22
N SER A 186 -9.95 23.20 7.48
CA SER A 186 -10.59 24.08 6.51
C SER A 186 -10.23 25.52 6.88
N VAL A 187 -10.43 26.49 5.97
CA VAL A 187 -10.04 27.88 6.26
C VAL A 187 -11.10 28.85 5.74
N SER A 188 -11.49 29.81 6.59
CA SER A 188 -12.45 30.88 6.29
C SER A 188 -11.82 32.20 6.60
N SER A 189 -11.45 32.95 5.56
CA SER A 189 -10.86 34.30 5.69
C SER A 189 -9.59 34.36 6.56
N GLY A 190 -8.75 33.34 6.45
CA GLY A 190 -7.49 33.28 7.17
C GLY A 190 -7.61 32.49 8.44
N ILE A 191 -8.86 32.27 8.94
CA ILE A 191 -9.17 31.50 10.18
C ILE A 191 -9.25 30.04 9.81
N ILE A 192 -8.37 29.23 10.40
CA ILE A 192 -8.29 27.79 10.20
C ILE A 192 -9.17 27.07 11.23
N HIS A 193 -10.11 26.24 10.75
CA HIS A 193 -11.06 25.45 11.54
C HIS A 193 -10.57 24.02 11.61
N ALA A 194 -10.56 23.41 12.79
CA ALA A 194 -10.15 22.01 12.93
C ALA A 194 -11.30 21.21 13.48
N ASN A 195 -11.44 19.98 13.01
CA ASN A 195 -12.41 19.01 13.47
C ASN A 195 -11.65 17.74 13.87
N PHE A 196 -11.64 17.44 15.19
CA PHE A 196 -11.05 16.27 15.81
C PHE A 196 -12.18 15.31 16.01
N THR A 197 -12.05 14.09 15.46
CA THR A 197 -13.13 13.09 15.50
C THR A 197 -12.67 11.72 16.04
N SER A 198 -13.58 10.99 16.68
CA SER A 198 -13.30 9.68 17.21
C SER A 198 -14.56 8.87 17.34
N GLN A 199 -14.48 7.62 16.93
CA GLN A 199 -15.58 6.66 16.99
C GLN A 199 -15.08 5.31 17.48
N LYS A 200 -16.00 4.52 18.06
CA LYS A 200 -15.79 3.15 18.53
C LYS A 200 -16.83 2.27 17.86
N LYS A 201 -16.45 1.03 17.51
CA LYS A 201 -17.35 0.09 16.88
C LYS A 201 -18.10 -0.68 17.96
N GLY A 202 -19.43 -0.58 17.95
CA GLY A 202 -20.35 -1.27 18.85
C GLY A 202 -21.07 -2.40 18.14
N VAL A 203 -22.13 -2.93 18.74
CA VAL A 203 -22.92 -4.04 18.18
C VAL A 203 -23.71 -3.62 16.95
N PHE A 204 -24.05 -2.33 16.83
CA PHE A 204 -24.88 -1.79 15.77
C PHE A 204 -24.09 -0.98 14.76
N GLY A 205 -22.82 -0.73 15.06
CA GLY A 205 -21.93 0.04 14.20
C GLY A 205 -21.14 1.10 14.93
N TRP A 206 -20.58 2.04 14.15
CA TRP A 206 -19.75 3.14 14.64
C TRP A 206 -20.60 4.27 15.22
N SER A 207 -20.18 4.75 16.37
CA SER A 207 -20.81 5.79 17.16
C SER A 207 -19.70 6.58 17.83
N ARG A 208 -19.94 7.85 18.17
CA ARG A 208 -18.95 8.70 18.82
C ARG A 208 -18.71 8.32 20.29
N TYR A 209 -17.47 8.50 20.76
CA TYR A 209 -17.07 8.21 22.13
C TYR A 209 -15.95 9.17 22.55
N SER A 210 -15.80 9.44 23.84
CA SER A 210 -14.75 10.33 24.34
C SER A 210 -13.36 9.72 24.28
N THR A 211 -12.32 10.52 23.92
CA THR A 211 -10.92 10.08 23.85
C THR A 211 -9.95 11.26 24.10
N THR A 212 -8.65 10.97 24.13
CA THR A 212 -7.58 11.95 24.22
C THR A 212 -6.95 12.01 22.83
N TYR A 213 -6.82 13.22 22.23
CA TYR A 213 -6.22 13.37 20.90
C TYR A 213 -4.77 13.77 21.01
N HIS A 214 -4.00 13.32 20.02
CA HIS A 214 -2.55 13.50 19.87
C HIS A 214 -2.22 13.85 18.43
N ALA A 215 -1.61 15.01 18.25
CA ALA A 215 -1.24 15.51 16.94
C ALA A 215 0.19 16.02 16.96
N LYS A 216 0.80 15.98 15.78
CA LYS A 216 2.13 16.46 15.42
C LYS A 216 1.91 17.37 14.20
N VAL A 217 2.07 18.65 14.40
CA VAL A 217 1.80 19.69 13.40
C VAL A 217 3.12 20.38 12.99
N ASN A 218 3.36 20.49 11.68
CA ASN A 218 4.53 21.21 11.19
C ASN A 218 4.08 22.03 10.00
N LEU A 219 3.76 23.32 10.24
CA LEU A 219 3.20 24.17 9.19
C LEU A 219 3.95 25.46 8.97
N ARG A 220 4.02 25.88 7.69
CA ARG A 220 4.62 27.14 7.26
C ARG A 220 3.55 28.20 7.09
N GLY A 221 3.87 29.44 7.47
CA GLY A 221 2.95 30.58 7.41
C GLY A 221 1.77 30.36 8.32
N PHE A 222 2.06 29.93 9.56
CA PHE A 222 1.04 29.55 10.50
C PHE A 222 1.26 30.09 11.91
N GLU A 223 0.12 30.44 12.51
CA GLU A 223 -0.08 30.91 13.86
C GLU A 223 -1.03 29.94 14.52
N PHE A 224 -0.63 29.39 15.66
CA PHE A 224 -1.46 28.43 16.37
C PHE A 224 -2.35 29.10 17.40
N ALA A 225 -3.62 28.67 17.43
CA ALA A 225 -4.61 29.15 18.38
C ALA A 225 -4.44 28.35 19.66
N GLN A 226 -3.47 28.80 20.50
CA GLN A 226 -3.09 28.19 21.76
C GLN A 226 -4.22 28.36 22.79
N GLY A 227 -4.61 27.27 23.46
CA GLY A 227 -5.65 27.30 24.48
C GLY A 227 -5.23 28.01 25.76
N GLU A 228 -6.19 28.23 26.69
CA GLU A 228 -5.92 28.95 27.95
C GLU A 228 -4.99 28.13 28.85
N LEU A 229 -3.89 28.75 29.27
CA LEU A 229 -2.87 28.14 30.10
C LEU A 229 -2.46 29.15 31.17
N LEU A 230 -2.58 28.74 32.45
CA LEU A 230 -2.24 29.57 33.63
C LEU A 230 -2.95 30.95 33.65
N GLY A 231 -4.18 31.01 33.12
CA GLY A 231 -4.97 32.24 33.03
C GLY A 231 -4.57 33.17 31.90
N TYR A 232 -3.69 32.70 30.97
CA TYR A 232 -3.24 33.47 29.79
C TYR A 232 -3.80 32.77 28.51
N GLY A 233 -4.24 33.58 27.55
CA GLY A 233 -4.84 33.11 26.31
C GLY A 233 -6.33 32.84 26.42
N PRO A 234 -7.01 32.20 25.41
CA PRO A 234 -6.48 31.71 24.13
C PRO A 234 -5.81 32.81 23.32
N VAL A 235 -4.68 32.47 22.71
CA VAL A 235 -3.90 33.44 21.96
C VAL A 235 -3.26 32.79 20.71
N TYR A 236 -3.05 33.60 19.66
CA TYR A 236 -2.36 33.19 18.45
C TYR A 236 -0.87 33.26 18.69
N VAL A 237 -0.22 32.11 18.67
CA VAL A 237 1.22 31.91 18.90
C VAL A 237 1.90 31.57 17.55
N ASN A 238 2.98 32.26 17.19
CA ASN A 238 3.65 31.98 15.94
C ASN A 238 4.27 30.58 15.93
N LYS A 239 3.93 29.76 14.91
CA LYS A 239 4.48 28.41 14.70
C LYS A 239 4.95 28.27 13.24
N ASP A 240 5.43 29.39 12.64
CA ASP A 240 5.88 29.43 11.24
C ASP A 240 7.15 28.60 11.07
N GLY A 241 6.96 27.38 10.55
CA GLY A 241 8.01 26.40 10.37
C GLY A 241 8.52 25.87 11.70
N ILE A 242 7.66 25.82 12.73
CA ILE A 242 8.00 25.33 14.07
C ILE A 242 7.17 24.09 14.35
N PRO A 243 7.81 22.89 14.35
CA PRO A 243 7.06 21.66 14.66
C PRO A 243 6.59 21.71 16.11
N PHE A 244 5.36 21.26 16.36
CA PHE A 244 4.84 21.26 17.71
C PHE A 244 3.80 20.17 17.87
N ALA A 245 3.52 19.80 19.13
CA ALA A 245 2.57 18.75 19.48
C ALA A 245 1.34 19.30 20.17
N ILE A 246 0.21 18.63 19.98
CA ILE A 246 -1.11 18.85 20.59
C ILE A 246 -1.49 17.54 21.30
N ASP A 247 -1.65 17.61 22.61
CA ASP A 247 -2.03 16.50 23.49
C ASP A 247 -3.18 17.02 24.29
N THR A 248 -4.40 16.76 23.83
CA THR A 248 -5.59 17.29 24.51
C THR A 248 -5.90 16.51 25.80
N LYS A 249 -6.87 17.03 26.57
CA LYS A 249 -7.47 16.37 27.72
C LYS A 249 -8.61 15.51 27.13
N GLU A 250 -9.28 14.66 27.93
CA GLU A 250 -10.36 13.84 27.38
C GLU A 250 -11.49 14.74 26.87
N GLY A 252 -14.96 14.81 23.65
CA GLY A 252 -15.91 14.02 22.87
C GLY A 252 -15.38 13.57 21.52
N GLY A 253 -16.23 12.86 20.78
CA GLY A 253 -15.87 12.34 19.47
C GLY A 253 -16.08 13.31 18.32
N ASN A 254 -16.50 14.54 18.61
CA ASN A 254 -16.69 15.58 17.60
C ASN A 254 -16.29 16.94 18.17
N VAL A 255 -15.00 17.23 18.18
CA VAL A 255 -14.49 18.49 18.72
C VAL A 255 -14.23 19.48 17.59
N THR A 256 -14.76 20.71 17.71
CA THR A 256 -14.48 21.73 16.70
C THR A 256 -13.66 22.84 17.34
N LYS A 257 -12.61 23.27 16.66
CA LYS A 257 -11.69 24.27 17.17
C LYS A 257 -11.21 25.24 16.11
N VAL A 258 -10.91 26.45 16.51
CA VAL A 258 -10.14 27.40 15.73
C VAL A 258 -8.74 26.84 15.87
N PHE A 259 -8.16 26.35 14.79
CA PHE A 259 -6.85 25.71 14.84
C PHE A 259 -5.73 26.76 14.86
N GLY A 260 -5.91 27.84 14.12
CA GLY A 260 -4.96 28.93 14.00
C GLY A 260 -5.38 29.89 12.93
N ARG A 261 -4.43 30.68 12.46
CA ARG A 261 -4.61 31.64 11.37
C ARG A 261 -3.46 31.53 10.39
N LYS A 262 -3.69 31.99 9.15
CA LYS A 262 -2.67 32.13 8.12
C LYS A 262 -1.92 33.49 8.30
N LEU A 263 -0.58 33.43 8.25
CA LEU A 263 0.29 34.60 8.32
C LEU A 263 0.66 35.06 6.93
N ALA A 264 0.61 34.16 5.95
CA ALA A 264 0.97 34.41 4.56
C ALA A 264 -0.16 34.02 3.58
N GLN A 265 0.15 34.09 2.28
CA GLN A 265 -0.76 33.74 1.19
C GLN A 265 -1.07 32.23 1.21
N GLU A 266 -0.06 31.41 1.59
CA GLU A 266 -0.24 29.95 1.66
C GLU A 266 0.27 29.37 2.97
N CYS A 267 -0.53 28.45 3.51
CA CYS A 267 -0.26 27.68 4.71
C CYS A 267 -0.12 26.22 4.32
N THR A 268 1.14 25.77 4.30
CA THR A 268 1.51 24.43 3.88
C THR A 268 2.26 23.70 4.99
N GLY A 269 2.38 22.39 4.86
CA GLY A 269 3.07 21.52 5.80
C GLY A 269 2.38 20.20 5.95
N THR A 270 2.61 19.53 7.10
CA THR A 270 2.03 18.22 7.42
C THR A 270 1.35 18.18 8.81
N ILE A 271 0.39 17.25 8.95
CA ILE A 271 -0.29 16.91 10.20
C ILE A 271 -0.29 15.38 10.35
N GLU A 272 -0.18 14.93 11.61
CA GLU A 272 -0.23 13.54 12.06
C GLU A 272 -1.21 13.48 13.23
N ILE A 273 -2.13 12.48 13.22
CA ILE A 273 -3.17 12.31 14.23
C ILE A 273 -3.25 10.86 14.72
N TRP A 274 -3.34 10.70 16.05
CA TRP A 274 -3.59 9.43 16.74
C TRP A 274 -4.38 9.76 18.03
N SER A 275 -4.77 8.74 18.82
CA SER A 275 -5.57 8.98 20.03
C SER A 275 -5.20 7.98 21.11
N ARG A 276 -5.95 7.96 22.23
CA ARG A 276 -5.77 6.98 23.29
C ARG A 276 -6.04 5.55 22.75
N GLY A 277 -7.05 5.43 21.87
CA GLY A 277 -7.43 4.17 21.25
C GLY A 277 -6.65 3.78 20.00
N VAL A 278 -6.12 4.78 19.23
CA VAL A 278 -5.37 4.54 17.99
C VAL A 278 -3.88 4.81 18.30
N PRO A 279 -3.02 3.77 18.33
CA PRO A 279 -1.62 3.98 18.76
C PRO A 279 -0.77 4.79 17.78
N TYR A 280 0.29 5.45 18.27
CA TYR A 280 1.19 6.32 17.50
C TYR A 280 1.67 5.63 16.20
N ASP A 281 2.02 4.35 16.27
CA ASP A 281 2.42 3.53 15.13
C ASP A 281 1.41 3.61 13.98
N GLN A 282 0.13 3.63 14.33
CA GLN A 282 -0.96 3.63 13.38
C GLN A 282 -1.52 5.04 13.11
N ARG A 283 -0.76 6.10 13.48
CA ARG A 283 -1.18 7.48 13.25
C ARG A 283 -1.37 7.80 11.77
N GLY A 284 -2.44 8.55 11.48
CA GLY A 284 -2.78 9.04 10.16
C GLY A 284 -2.05 10.32 9.81
N PHE A 285 -1.68 10.47 8.54
CA PHE A 285 -0.93 11.58 7.94
C PHE A 285 -1.78 12.38 6.94
N ALA A 286 -1.33 13.61 6.63
CA ALA A 286 -1.94 14.49 5.62
C ALA A 286 -1.04 15.66 5.32
N THR A 287 -1.05 16.08 4.05
CA THR A 287 -0.37 17.28 3.60
C THR A 287 -1.38 18.41 3.77
N VAL A 288 -0.92 19.56 4.28
CA VAL A 288 -1.78 20.72 4.49
C VAL A 288 -1.50 21.76 3.39
N ARG A 289 -2.58 22.19 2.72
CA ARG A 289 -2.61 23.21 1.67
C ARG A 289 -3.82 24.12 1.92
N LEU A 290 -3.58 25.26 2.59
CA LEU A 290 -4.64 26.22 2.98
C LEU A 290 -4.28 27.67 2.57
#